data_4J58
#
_entry.id   4J58
#
_cell.length_a   57.244
_cell.length_b   57.244
_cell.length_c   87.621
_cell.angle_alpha   90.000
_cell.angle_beta   90.000
_cell.angle_gamma   90.000
#
_symmetry.space_group_name_H-M   'P 41 21 2'
#
loop_
_entity.id
_entity.type
_entity.pdbx_description
1 polymer 'Peptidyl-prolyl cis-trans isomerase F, mitochondrial'
2 non-polymer 1-(4-aminobenzyl)-3-[2-oxo-2-(pyrrolidin-1-yl)ethyl]urea
3 non-polymer 'PHOSPHATE ION'
4 water water
#
_entity_poly.entity_id   1
_entity_poly.type   'polypeptide(L)'
_entity_poly.pdbx_seq_one_letter_code
;GNPLVYLDVDANGKPLGRVVLELKADVVPKTAENFRALCTGEKGFGYKGSTFHRVIPSFMCQAGDFTNHNGTGGKSIYGS
RFPDENFTLKHVGPGVLSMANAGPNTNGSQFFICTIKTDWLDGKHVVFGHVIEGMDVVKKIESFGSKSGRTSKKIVITDC
GQLS
;
_entity_poly.pdbx_strand_id   A
#
loop_
_chem_comp.id
_chem_comp.type
_chem_comp.name
_chem_comp.formula
53Z non-polymer 1-(4-aminobenzyl)-3-[2-oxo-2-(pyrrolidin-1-yl)ethyl]urea 'C14 H20 N4 O2'
PO4 non-polymer 'PHOSPHATE ION' 'O4 P -3'
#
# COMPACT_ATOMS: atom_id res chain seq x y z
N GLY A 1 -7.30 -8.54 17.64
CA GLY A 1 -6.28 -7.50 17.61
C GLY A 1 -6.19 -6.82 16.27
N ASN A 2 -5.00 -6.27 15.97
CA ASN A 2 -4.73 -5.63 14.70
C ASN A 2 -4.99 -6.56 13.54
N PRO A 3 -5.68 -6.05 12.51
CA PRO A 3 -5.98 -6.88 11.35
C PRO A 3 -4.73 -7.39 10.61
N LEU A 4 -4.82 -8.61 10.10
CA LEU A 4 -3.86 -9.12 9.14
C LEU A 4 -4.56 -9.22 7.80
N VAL A 5 -3.97 -8.62 6.78
CA VAL A 5 -4.54 -8.65 5.42
C VAL A 5 -3.50 -9.17 4.43
N TYR A 6 -3.93 -9.52 3.23
CA TYR A 6 -3.02 -10.03 2.20
C TYR A 6 -3.25 -9.40 0.85
N LEU A 7 -2.16 -9.36 0.08
CA LEU A 7 -2.19 -9.00 -1.34
C LEU A 7 -1.51 -10.13 -2.09
N ASP A 8 -2.20 -10.72 -3.06
CA ASP A 8 -1.58 -11.69 -3.96
C ASP A 8 -1.22 -10.93 -5.23
N VAL A 9 0.05 -11.03 -5.64
CA VAL A 9 0.57 -10.17 -6.70
C VAL A 9 1.13 -10.96 -7.88
N ASP A 10 0.70 -10.60 -9.08
CA ASP A 10 1.26 -11.10 -10.34
C ASP A 10 2.25 -10.11 -10.92
N ALA A 11 3.21 -10.62 -11.68
CA ALA A 11 4.03 -9.80 -12.58
C ALA A 11 3.92 -10.41 -13.97
N ASN A 12 3.50 -9.59 -14.94
CA ASN A 12 3.22 -10.07 -16.29
C ASN A 12 2.37 -11.34 -16.30
N GLY A 13 1.33 -11.34 -15.46
CA GLY A 13 0.33 -12.39 -15.50
C GLY A 13 0.70 -13.68 -14.81
N LYS A 14 1.86 -13.73 -14.15
CA LYS A 14 2.23 -14.93 -13.38
C LYS A 14 2.47 -14.58 -11.92
N PRO A 15 2.04 -15.47 -11.01
CA PRO A 15 2.06 -15.12 -9.58
C PRO A 15 3.45 -15.01 -8.97
N LEU A 16 3.67 -13.94 -8.21
CA LEU A 16 4.88 -13.78 -7.41
C LEU A 16 4.73 -14.38 -6.03
N GLY A 17 3.49 -14.49 -5.57
CA GLY A 17 3.22 -14.92 -4.20
C GLY A 17 2.40 -13.90 -3.43
N ARG A 18 2.47 -13.98 -2.10
CA ARG A 18 1.60 -13.22 -1.21
C ARG A 18 2.35 -12.29 -0.28
N VAL A 19 1.87 -11.06 -0.15
CA VAL A 19 2.35 -10.14 0.87
C VAL A 19 1.32 -10.07 1.99
N VAL A 20 1.75 -10.39 3.21
CA VAL A 20 0.87 -10.28 4.38
C VAL A 20 1.24 -9.03 5.18
N LEU A 21 0.24 -8.23 5.52
CA LEU A 21 0.44 -6.96 6.19
C LEU A 21 -0.34 -6.90 7.50
N GLU A 22 0.32 -6.44 8.55
CA GLU A 22 -0.35 -6.12 9.80
C GLU A 22 -0.75 -4.66 9.75
N LEU A 23 -2.01 -4.37 10.06
CA LEU A 23 -2.49 -3.00 10.09
C LEU A 23 -2.59 -2.52 11.52
N LYS A 24 -1.91 -1.41 11.82
CA LYS A 24 -1.78 -0.93 13.18
C LYS A 24 -3.01 -0.13 13.65
N ALA A 25 -4.13 -0.84 13.72
CA ALA A 25 -5.41 -0.26 14.14
C ALA A 25 -5.35 0.28 15.56
N ASP A 26 -4.41 -0.22 16.34
CA ASP A 26 -4.20 0.28 17.71
C ASP A 26 -3.72 1.72 17.75
N VAL A 27 -3.05 2.15 16.68
CA VAL A 27 -2.44 3.48 16.62
C VAL A 27 -3.21 4.37 15.65
N VAL A 28 -3.60 3.81 14.52
CA VAL A 28 -4.28 4.56 13.45
C VAL A 28 -5.53 3.80 13.01
N PRO A 29 -6.56 3.76 13.87
CA PRO A 29 -7.72 2.92 13.54
C PRO A 29 -8.45 3.32 12.26
N LYS A 30 -8.57 4.61 11.98
CA LYS A 30 -9.31 5.04 10.79
C LYS A 30 -8.57 4.68 9.51
N THR A 31 -7.25 4.83 9.54
CA THR A 31 -6.42 4.54 8.38
C THR A 31 -6.33 3.03 8.17
N ALA A 32 -6.18 2.27 9.25
CA ALA A 32 -6.18 0.82 9.16
C ALA A 32 -7.51 0.28 8.64
N GLU A 33 -8.62 0.83 9.15
CA GLU A 33 -9.94 0.36 8.72
C GLU A 33 -10.18 0.58 7.23
N ASN A 34 -9.77 1.73 6.72
CA ASN A 34 -9.86 2.00 5.30
C ASN A 34 -9.14 0.93 4.47
N PHE A 35 -7.88 0.67 4.80
CA PHE A 35 -7.08 -0.30 4.06
C PHE A 35 -7.71 -1.70 4.17
N ARG A 36 -8.12 -2.08 5.38
CA ARG A 36 -8.74 -3.38 5.61
C ARG A 36 -9.94 -3.59 4.70
N ALA A 37 -10.85 -2.62 4.69
CA ALA A 37 -12.07 -2.74 3.88
C ALA A 37 -11.78 -2.70 2.38
N LEU A 38 -10.76 -1.96 1.97
CA LEU A 38 -10.38 -1.94 0.56
C LEU A 38 -9.78 -3.29 0.15
N CYS A 39 -9.16 -4.00 1.09
CA CYS A 39 -8.68 -5.35 0.80
C CYS A 39 -9.81 -6.37 0.65
N THR A 40 -10.80 -6.31 1.54
CA THR A 40 -11.90 -7.26 1.43
C THR A 40 -12.83 -6.92 0.27
N GLY A 41 -12.89 -5.64 -0.10
CA GLY A 41 -13.80 -5.19 -1.14
C GLY A 41 -15.22 -5.05 -0.66
N GLU A 42 -15.42 -5.12 0.66
CA GLU A 42 -16.79 -5.19 1.22
C GLU A 42 -17.68 -3.98 0.95
N LYS A 43 -17.09 -2.83 0.60
CA LYS A 43 -17.91 -1.66 0.27
C LYS A 43 -18.30 -1.63 -1.22
N GLY A 44 -17.82 -2.61 -1.97
CA GLY A 44 -18.14 -2.71 -3.39
C GLY A 44 -17.04 -2.17 -4.31
N PHE A 45 -15.91 -1.82 -3.73
CA PHE A 45 -14.74 -1.36 -4.48
C PHE A 45 -13.50 -1.63 -3.64
N GLY A 46 -12.32 -1.56 -4.25
CA GLY A 46 -11.12 -1.84 -3.49
C GLY A 46 -9.95 -2.23 -4.36
N TYR A 47 -8.93 -2.83 -3.75
CA TYR A 47 -7.67 -3.06 -4.43
C TYR A 47 -7.64 -4.19 -5.45
N LYS A 48 -8.60 -5.11 -5.38
CA LYS A 48 -8.59 -6.27 -6.27
C LYS A 48 -8.51 -5.82 -7.72
N GLY A 49 -7.50 -6.30 -8.44
CA GLY A 49 -7.34 -5.96 -9.85
C GLY A 49 -6.51 -4.73 -10.13
N SER A 50 -6.15 -3.97 -9.08
CA SER A 50 -5.37 -2.75 -9.29
C SER A 50 -3.87 -3.02 -9.34
N THR A 51 -3.09 -2.00 -9.70
CA THR A 51 -1.66 -2.22 -9.99
C THR A 51 -0.72 -1.55 -9.01
N PHE A 52 0.52 -2.03 -8.98
CA PHE A 52 1.62 -1.22 -8.48
C PHE A 52 2.09 -0.35 -9.66
N HIS A 53 1.67 0.91 -9.68
CA HIS A 53 1.90 1.76 -10.86
C HIS A 53 3.23 2.48 -10.85
N ARG A 54 3.87 2.57 -9.69
CA ARG A 54 5.17 3.21 -9.63
C ARG A 54 6.05 2.58 -8.58
N VAL A 55 7.24 2.19 -9.00
CA VAL A 55 8.14 1.41 -8.16
C VAL A 55 9.54 1.92 -8.40
N ILE A 56 10.23 2.28 -7.32
CA ILE A 56 11.58 2.83 -7.43
C ILE A 56 12.52 1.99 -6.59
N PRO A 57 13.48 1.31 -7.25
CA PRO A 57 14.41 0.46 -6.51
C PRO A 57 15.18 1.23 -5.45
N SER A 58 15.38 0.57 -4.31
CA SER A 58 16.03 1.16 -3.13
C SER A 58 15.21 2.29 -2.52
N PHE A 59 13.90 2.29 -2.78
CA PHE A 59 13.02 3.28 -2.16
C PHE A 59 11.69 2.64 -1.74
N MET A 60 10.79 2.40 -2.69
CA MET A 60 9.45 1.94 -2.33
C MET A 60 8.67 1.41 -3.52
N CYS A 61 7.59 0.70 -3.23
CA CYS A 61 6.65 0.19 -4.24
C CYS A 61 5.29 0.81 -3.94
N GLN A 62 4.71 1.51 -4.92
CA GLN A 62 3.45 2.26 -4.71
C GLN A 62 2.31 1.67 -5.52
N ALA A 63 1.12 1.64 -4.93
CA ALA A 63 -0.02 0.98 -5.55
C ALA A 63 -1.33 1.62 -5.13
N GLY A 64 -2.45 1.11 -5.64
CA GLY A 64 -3.74 1.40 -5.04
C GLY A 64 -4.65 2.37 -5.76
N ASP A 65 -4.29 2.82 -6.95
CA ASP A 65 -5.19 3.67 -7.71
C ASP A 65 -6.15 2.80 -8.50
N PHE A 66 -7.26 2.42 -7.89
CA PHE A 66 -8.24 1.57 -8.56
C PHE A 66 -9.32 2.35 -9.29
N THR A 67 -9.25 3.68 -9.29
CA THR A 67 -10.30 4.43 -9.98
C THR A 67 -9.85 4.95 -11.33
N ASN A 68 -8.62 5.44 -11.41
CA ASN A 68 -8.10 6.05 -12.63
C ASN A 68 -7.00 5.20 -13.23
N HIS A 69 -6.50 4.26 -12.43
CA HIS A 69 -5.48 3.31 -12.86
C HIS A 69 -4.26 3.96 -13.48
N ASN A 70 -3.85 5.10 -12.91
CA ASN A 70 -2.65 5.79 -13.40
C ASN A 70 -1.84 6.59 -12.37
N GLY A 71 -2.26 6.57 -11.10
CA GLY A 71 -1.53 7.28 -10.06
C GLY A 71 -2.13 8.62 -9.66
N THR A 72 -3.22 9.00 -10.31
CA THR A 72 -3.88 10.26 -9.96
C THR A 72 -5.11 10.04 -9.09
N GLY A 73 -5.55 8.79 -8.95
CA GLY A 73 -6.87 8.52 -8.38
C GLY A 73 -6.90 7.65 -7.13
N GLY A 74 -7.98 6.90 -6.98
CA GLY A 74 -8.28 6.18 -5.76
C GLY A 74 -9.33 6.90 -4.93
N LYS A 75 -9.92 6.20 -3.97
CA LYS A 75 -10.83 6.83 -3.02
C LYS A 75 -10.86 5.98 -1.76
N SER A 76 -11.27 6.60 -0.67
CA SER A 76 -11.36 5.91 0.61
C SER A 76 -12.76 5.40 0.83
N ILE A 77 -12.94 4.60 1.88
CA ILE A 77 -14.28 4.14 2.23
C ILE A 77 -15.13 5.24 2.87
N TYR A 78 -14.49 6.36 3.22
CA TYR A 78 -15.18 7.46 3.89
C TYR A 78 -15.68 8.52 2.93
N GLY A 79 -15.14 8.55 1.72
CA GLY A 79 -15.32 9.65 0.80
C GLY A 79 -14.07 9.70 -0.04
N SER A 80 -13.90 10.74 -0.85
CA SER A 80 -12.77 10.74 -1.77
CA SER A 80 -12.75 10.81 -1.77
C SER A 80 -11.43 10.81 -1.05
N ARG A 81 -11.33 11.63 -0.01
CA ARG A 81 -10.10 11.78 0.75
C ARG A 81 -10.43 11.85 2.23
N PHE A 82 -9.44 11.57 3.07
CA PHE A 82 -9.62 11.71 4.53
C PHE A 82 -8.34 12.26 5.18
N PRO A 83 -8.49 12.86 6.38
CA PRO A 83 -7.35 13.54 7.02
C PRO A 83 -6.20 12.61 7.41
N ASP A 84 -5.02 13.22 7.56
CA ASP A 84 -3.90 12.57 8.21
C ASP A 84 -4.26 12.27 9.65
N GLU A 85 -4.33 11.00 10.01
CA GLU A 85 -4.80 10.60 11.33
C GLU A 85 -3.82 10.98 12.44
N ASN A 86 -2.57 10.55 12.29
CA ASN A 86 -1.47 11.01 13.13
C ASN A 86 -0.18 10.57 12.46
N PHE A 87 0.94 11.03 13.01
CA PHE A 87 2.24 10.66 12.47
C PHE A 87 3.06 9.92 13.53
N THR A 88 2.36 9.19 14.39
CA THR A 88 2.99 8.52 15.51
C THR A 88 3.99 7.43 15.08
N LEU A 89 3.61 6.62 14.10
CA LEU A 89 4.51 5.60 13.56
C LEU A 89 5.46 6.21 12.54
N LYS A 90 6.69 5.72 12.55
CA LYS A 90 7.73 6.29 11.68
C LYS A 90 8.12 5.33 10.55
N HIS A 91 8.72 5.90 9.50
CA HIS A 91 9.17 5.11 8.36
C HIS A 91 10.51 4.49 8.73
N VAL A 92 10.47 3.43 9.52
CA VAL A 92 11.66 2.92 10.21
C VAL A 92 12.59 2.05 9.37
N GLY A 93 12.07 1.46 8.29
CA GLY A 93 12.88 0.53 7.52
C GLY A 93 12.07 -0.20 6.46
N PRO A 94 12.71 -1.20 5.83
CA PRO A 94 12.00 -1.99 4.83
C PRO A 94 10.76 -2.62 5.42
N GLY A 95 9.70 -2.71 4.62
CA GLY A 95 8.47 -3.33 5.05
C GLY A 95 7.41 -2.40 5.64
N VAL A 96 7.77 -1.14 5.86
CA VAL A 96 6.78 -0.17 6.35
C VAL A 96 5.69 0.07 5.31
N LEU A 97 4.45 0.09 5.77
CA LEU A 97 3.28 0.34 4.95
C LEU A 97 2.73 1.72 5.31
N SER A 98 2.60 2.59 4.30
CA SER A 98 2.30 3.99 4.55
C SER A 98 1.39 4.56 3.46
N MET A 99 0.68 5.65 3.75
CA MET A 99 -0.24 6.23 2.77
C MET A 99 0.46 7.17 1.81
N ALA A 100 0.22 6.98 0.52
CA ALA A 100 0.64 7.96 -0.47
C ALA A 100 -0.29 9.17 -0.34
N ASN A 101 0.15 10.32 -0.82
CA ASN A 101 -0.72 11.50 -0.75
C ASN A 101 -0.28 12.58 -1.74
N ALA A 102 -1.07 13.64 -1.81
CA ALA A 102 -0.77 14.78 -2.66
C ALA A 102 -0.69 16.02 -1.80
N GLY A 103 -0.15 15.85 -0.59
CA GLY A 103 -0.08 16.93 0.38
C GLY A 103 -0.89 16.62 1.61
N PRO A 104 -0.98 17.56 2.55
CA PRO A 104 -1.70 17.29 3.80
C PRO A 104 -3.15 16.87 3.58
N ASN A 105 -3.59 15.88 4.35
CA ASN A 105 -5.00 15.48 4.37
C ASN A 105 -5.57 15.10 3.01
N THR A 106 -4.81 14.30 2.27
CA THR A 106 -5.27 13.81 0.97
C THR A 106 -5.11 12.31 0.84
N ASN A 107 -5.29 11.60 1.95
CA ASN A 107 -5.31 10.14 1.93
C ASN A 107 -6.53 9.66 1.17
N GLY A 108 -6.34 8.68 0.28
CA GLY A 108 -7.47 8.07 -0.43
C GLY A 108 -7.34 6.57 -0.31
N SER A 109 -6.83 5.95 -1.37
CA SER A 109 -6.49 4.53 -1.34
C SER A 109 -5.03 4.23 -1.67
N GLN A 110 -4.34 5.14 -2.34
CA GLN A 110 -2.96 4.87 -2.72
C GLN A 110 -2.06 4.69 -1.50
N PHE A 111 -1.16 3.73 -1.62
CA PHE A 111 -0.27 3.37 -0.52
C PHE A 111 1.08 2.96 -1.05
N PHE A 112 2.05 2.81 -0.17
CA PHE A 112 3.35 2.31 -0.57
C PHE A 112 3.94 1.41 0.49
N ILE A 113 4.82 0.51 0.04
CA ILE A 113 5.59 -0.34 0.93
C ILE A 113 7.05 0.05 0.73
N CYS A 114 7.71 0.45 1.82
CA CYS A 114 9.11 0.87 1.75
C CYS A 114 10.03 -0.32 1.62
N THR A 115 11.15 -0.12 0.92
CA THR A 115 12.17 -1.16 0.87
C THR A 115 13.46 -0.70 1.57
N ILE A 116 13.39 0.47 2.21
CA ILE A 116 14.49 1.06 2.97
C ILE A 116 13.87 2.01 4.00
N LYS A 117 14.64 2.43 5.00
CA LYS A 117 14.23 3.50 5.90
C LYS A 117 14.04 4.79 5.10
N THR A 118 12.89 5.44 5.26
CA THR A 118 12.62 6.68 4.52
C THR A 118 12.23 7.79 5.50
N ASP A 119 13.21 8.27 6.27
CA ASP A 119 12.91 9.15 7.40
C ASP A 119 12.32 10.50 6.99
N TRP A 120 12.62 10.94 5.79
CA TRP A 120 12.15 12.26 5.34
C TRP A 120 10.63 12.27 5.13
N LEU A 121 10.00 11.10 5.12
CA LEU A 121 8.56 11.03 4.96
C LEU A 121 7.82 11.09 6.30
N ASP A 122 8.57 10.98 7.40
CA ASP A 122 7.99 11.08 8.74
C ASP A 122 7.35 12.45 8.89
N GLY A 123 6.13 12.48 9.43
CA GLY A 123 5.44 13.76 9.61
C GLY A 123 4.70 14.23 8.38
N LYS A 124 4.82 13.49 7.27
CA LYS A 124 4.18 13.86 6.02
C LYS A 124 3.26 12.75 5.48
N HIS A 125 3.67 11.49 5.68
CA HIS A 125 2.86 10.35 5.29
C HIS A 125 2.50 9.54 6.52
N VAL A 126 1.23 9.14 6.60
CA VAL A 126 0.75 8.34 7.72
C VAL A 126 1.13 6.86 7.56
N VAL A 127 2.01 6.40 8.44
CA VAL A 127 2.38 5.00 8.52
C VAL A 127 1.29 4.25 9.25
N PHE A 128 0.89 3.10 8.72
CA PHE A 128 -0.24 2.38 9.31
C PHE A 128 -0.09 0.87 9.37
N GLY A 129 1.08 0.36 9.02
CA GLY A 129 1.29 -1.06 9.12
C GLY A 129 2.67 -1.50 8.71
N HIS A 130 2.83 -2.82 8.55
CA HIS A 130 4.11 -3.36 8.09
CA HIS A 130 4.12 -3.40 8.22
C HIS A 130 3.96 -4.78 7.57
N VAL A 131 4.90 -5.17 6.72
CA VAL A 131 4.93 -6.51 6.16
C VAL A 131 5.25 -7.54 7.24
N ILE A 132 4.41 -8.56 7.32
CA ILE A 132 4.55 -9.70 8.25
C ILE A 132 5.28 -10.85 7.56
N GLU A 133 4.93 -11.05 6.29
CA GLU A 133 5.41 -12.17 5.49
C GLU A 133 5.41 -11.71 4.05
N GLY A 134 6.33 -12.21 3.26
CA GLY A 134 6.35 -11.88 1.85
C GLY A 134 7.27 -10.75 1.45
N MET A 135 8.26 -10.40 2.26
CA MET A 135 9.23 -9.41 1.80
CA MET A 135 9.22 -9.41 1.79
C MET A 135 9.92 -9.89 0.51
N ASP A 136 10.03 -11.21 0.32
CA ASP A 136 10.61 -11.70 -0.93
C ASP A 136 9.81 -11.25 -2.13
N VAL A 137 8.48 -11.22 -1.97
CA VAL A 137 7.59 -10.76 -3.03
C VAL A 137 7.77 -9.28 -3.26
N VAL A 138 7.89 -8.52 -2.17
CA VAL A 138 8.15 -7.09 -2.26
C VAL A 138 9.49 -6.81 -2.98
N LYS A 139 10.53 -7.59 -2.68
CA LYS A 139 11.80 -7.41 -3.39
C LYS A 139 11.67 -7.72 -4.89
N LYS A 140 10.85 -8.70 -5.25
CA LYS A 140 10.60 -8.96 -6.66
C LYS A 140 9.92 -7.77 -7.31
N ILE A 141 8.87 -7.25 -6.69
CA ILE A 141 8.19 -6.08 -7.22
C ILE A 141 9.17 -4.93 -7.41
N GLU A 142 9.97 -4.68 -6.38
CA GLU A 142 10.99 -3.63 -6.39
C GLU A 142 11.94 -3.77 -7.58
N SER A 143 12.33 -5.01 -7.88
CA SER A 143 13.28 -5.30 -8.95
C SER A 143 12.72 -4.98 -10.33
N PHE A 144 11.39 -4.80 -10.42
CA PHE A 144 10.75 -4.43 -11.69
C PHE A 144 10.46 -2.93 -11.81
N GLY A 145 11.01 -2.13 -10.90
CA GLY A 145 10.86 -0.69 -11.00
C GLY A 145 12.03 -0.05 -11.73
N SER A 146 12.11 1.27 -11.66
CA SER A 146 13.17 2.02 -12.33
C SER A 146 13.32 3.36 -11.65
N LYS A 147 14.35 4.12 -12.00
CA LYS A 147 14.56 5.42 -11.39
C LYS A 147 13.36 6.36 -11.58
N SER A 148 12.70 6.27 -12.74
CA SER A 148 11.57 7.14 -13.02
C SER A 148 10.28 6.65 -12.36
N GLY A 149 10.34 5.45 -11.79
CA GLY A 149 9.14 4.84 -11.22
C GLY A 149 8.39 3.94 -12.19
N ARG A 150 8.66 4.07 -13.48
CA ARG A 150 7.99 3.22 -14.47
C ARG A 150 8.34 1.75 -14.25
N THR A 151 7.33 0.89 -14.26
CA THR A 151 7.57 -0.55 -14.06
C THR A 151 7.90 -1.24 -15.38
N SER A 152 8.76 -2.25 -15.32
CA SER A 152 9.18 -2.97 -16.52
C SER A 152 8.38 -4.26 -16.72
N LYS A 153 7.53 -4.59 -15.74
CA LYS A 153 6.53 -5.65 -15.85
C LYS A 153 5.22 -5.09 -15.31
N LYS A 154 4.08 -5.63 -15.73
CA LYS A 154 2.81 -5.17 -15.22
C LYS A 154 2.55 -5.88 -13.91
N ILE A 155 2.46 -5.11 -12.83
CA ILE A 155 2.36 -5.68 -11.50
C ILE A 155 0.94 -5.48 -10.98
N VAL A 156 0.24 -6.59 -10.80
CA VAL A 156 -1.20 -6.57 -10.50
C VAL A 156 -1.51 -7.27 -9.19
N ILE A 157 -2.30 -6.61 -8.34
CA ILE A 157 -2.88 -7.27 -7.17
C ILE A 157 -4.07 -8.07 -7.67
N THR A 158 -3.91 -9.38 -7.82
CA THR A 158 -4.96 -10.19 -8.41
C THR A 158 -6.05 -10.52 -7.40
N ASP A 159 -5.65 -10.65 -6.13
CA ASP A 159 -6.57 -10.99 -5.06
C ASP A 159 -6.07 -10.32 -3.80
N CYS A 160 -6.99 -10.05 -2.88
CA CYS A 160 -6.61 -9.46 -1.61
C CYS A 160 -7.74 -9.72 -0.62
N GLY A 161 -7.47 -9.55 0.66
CA GLY A 161 -8.50 -9.82 1.65
C GLY A 161 -7.97 -9.79 3.05
N GLN A 162 -8.78 -10.30 3.98
CA GLN A 162 -8.42 -10.27 5.39
C GLN A 162 -8.23 -11.68 5.94
N LEU A 163 -7.16 -11.86 6.70
CA LEU A 163 -6.84 -13.15 7.33
C LEU A 163 -7.34 -13.27 8.78
N SER A 164 -7.32 -12.15 9.50
CA SER A 164 -7.77 -12.11 10.89
C SER A 164 -7.93 -10.67 11.32
CAJ 53Z B . 5.11 8.25 -1.31
CAH 53Z B . 6.05 7.11 -1.69
CAI 53Z B . 7.05 8.26 -2.23
CAK 53Z B . 5.94 8.63 -3.22
NAT 53Z B . 4.78 9.00 -2.48
C 53Z B . 3.76 9.75 -2.78
O 53Z B . 2.84 9.88 -1.96
CA 53Z B . 3.78 10.40 -4.16
N 53Z B . 2.49 11.02 -4.35
CAP 53Z B . 1.70 10.61 -5.30
OAB 53Z B . 2.06 9.77 -6.13
NAO 53Z B . 0.57 11.31 -5.33
CAM 53Z B . -0.55 11.15 -6.25
CAS 53Z B . -1.76 10.88 -5.31
CAF 53Z B . -1.62 10.18 -4.11
CAD 53Z B . -2.72 9.95 -3.29
CAR 53Z B . -3.98 10.41 -3.64
NAA 53Z B . -5.05 10.18 -2.84
CAE 53Z B . -4.13 11.11 -4.84
CAG 53Z B . -3.03 11.34 -5.66
P PO4 C . 6.28 14.50 0.44
O1 PO4 C . 7.03 13.94 1.64
O2 PO4 C . 7.26 15.14 -0.50
O3 PO4 C . 5.56 13.37 -0.24
O4 PO4 C . 5.32 15.56 0.92
#